data_9F8W
#
_entry.id   9F8W
#
_cell.length_a   206.545
_cell.length_b   206.545
_cell.length_c   67.867
_cell.angle_alpha   90.00
_cell.angle_beta   90.00
_cell.angle_gamma   120.00
#
_symmetry.space_group_name_H-M   'H 3'
#
loop_
_entity.id
_entity.type
_entity.pdbx_description
1 polymer 'Peroxisome targeting signal 1 receptor PEX5'
2 water water
#
_entity_poly.entity_id   1
_entity_poly.type   'polypeptide(L)'
_entity_poly.pdbx_seq_one_letter_code
;MASMTGGQQMGRGSEFMLQNNTDYPFEANNPYMYHENPMEEGLSMLKLANLAEAALAFEAVCQKEPEREEAWRSLGLTQA
ENEKDGLAIIALNHARMLDPKDIAVHAALAVSHTNEHNANAALASLRAWLLSQPQYEQLGSVNLQADVDIDDLNVQSEDF
FFAAPNEYRECRTLLHAALEMNPNDAQLHASLGVLYNLSNNYDSAAANLRRAVELRPDDAQLWNKLGATLANGNRPQEAL
DAYNRALDINPGYVRVMYNMAVSYSNMSQYDLAAKQLVRAIYMQVGGTTPTGEASREATRSMWDFFRMLLNVMNRPDLVE
LTYAQNVEPFAKEFGLQSMLLENLYFQ
;
_entity_poly.pdbx_strand_id   A,B
#
# COMPACT_ATOMS: atom_id res chain seq x y z
N GLN A 19 31.65 18.01 -16.64
CA GLN A 19 31.22 16.65 -16.15
C GLN A 19 31.98 16.23 -14.88
N ASN A 20 33.19 16.74 -14.68
CA ASN A 20 33.90 16.79 -13.35
C ASN A 20 33.98 18.26 -12.89
N ASN A 21 33.02 19.06 -13.40
CA ASN A 21 32.83 20.53 -13.22
C ASN A 21 32.35 20.80 -11.78
N THR A 22 32.96 21.76 -11.09
CA THR A 22 32.68 22.08 -9.66
C THR A 22 32.14 23.51 -9.49
N ASP A 23 32.00 24.30 -10.57
CA ASP A 23 31.48 25.69 -10.57
C ASP A 23 29.94 25.64 -10.62
N TYR A 24 29.31 25.74 -9.45
CA TYR A 24 27.85 25.51 -9.28
C TYR A 24 27.06 26.79 -9.59
N PRO A 25 26.03 26.74 -10.47
CA PRO A 25 25.27 27.93 -10.84
C PRO A 25 24.17 28.26 -9.82
N PHE A 26 24.56 28.88 -8.71
CA PHE A 26 23.63 29.29 -7.62
C PHE A 26 22.52 30.17 -8.17
N GLU A 27 21.27 29.99 -7.73
CA GLU A 27 20.18 30.95 -8.03
C GLU A 27 20.47 32.24 -7.26
N ALA A 28 20.26 33.42 -7.86
CA ALA A 28 20.67 34.73 -7.26
C ALA A 28 19.57 35.26 -6.33
N ASN A 29 18.29 34.97 -6.61
CA ASN A 29 17.15 35.45 -5.77
C ASN A 29 16.89 34.45 -4.66
N ASN A 30 17.90 34.21 -3.82
CA ASN A 30 17.88 33.16 -2.76
C ASN A 30 17.70 33.82 -1.40
N PRO A 31 16.49 33.71 -0.80
CA PRO A 31 16.22 34.32 0.50
C PRO A 31 17.05 33.83 1.70
N TYR A 32 17.61 32.62 1.57
CA TYR A 32 18.42 31.97 2.64
C TYR A 32 19.78 32.66 2.69
N MET A 33 20.10 33.51 1.71
CA MET A 33 21.30 34.36 1.76
C MET A 33 21.18 35.38 2.92
N TYR A 34 19.95 35.70 3.35
CA TYR A 34 19.66 36.72 4.39
C TYR A 34 19.48 36.05 5.75
N HIS A 35 19.47 34.71 5.82
CA HIS A 35 19.17 33.94 7.06
C HIS A 35 20.39 33.92 7.98
N GLU A 36 20.13 33.99 9.30
CA GLU A 36 21.14 33.93 10.39
C GLU A 36 21.92 32.62 10.28
N ASN A 37 21.22 31.48 10.15
CA ASN A 37 21.81 30.11 10.00
C ASN A 37 21.04 29.27 8.97
N PRO A 38 21.45 29.29 7.68
CA PRO A 38 20.75 28.52 6.65
C PRO A 38 20.98 27.00 6.67
N MET A 39 22.10 26.51 7.24
CA MET A 39 22.33 25.04 7.37
C MET A 39 21.22 24.43 8.24
N GLU A 40 20.98 24.93 9.46
CA GLU A 40 19.90 24.40 10.35
C GLU A 40 18.54 24.57 9.63
N GLU A 41 18.39 25.64 8.85
CA GLU A 41 17.15 25.92 8.09
C GLU A 41 16.95 24.84 7.01
N GLY A 42 18.04 24.42 6.36
CA GLY A 42 18.04 23.35 5.34
C GLY A 42 17.67 21.99 5.91
N LEU A 43 18.17 21.67 7.11
CA LEU A 43 17.89 20.40 7.82
C LEU A 43 16.40 20.33 8.21
N SER A 44 15.81 21.45 8.60
CA SER A 44 14.38 21.57 8.98
C SER A 44 13.50 21.36 7.74
N MET A 45 13.87 21.99 6.64
CA MET A 45 13.25 21.83 5.31
C MET A 45 13.34 20.35 4.88
N LEU A 46 14.40 19.63 5.32
CA LEU A 46 14.56 18.18 5.05
C LEU A 46 13.60 17.39 5.95
N LYS A 47 13.56 17.69 7.26
CA LYS A 47 12.61 17.06 8.23
C LYS A 47 11.16 17.26 7.74
N LEU A 48 10.85 18.41 7.11
CA LEU A 48 9.51 18.70 6.53
C LEU A 48 9.39 18.04 5.15
N ALA A 49 10.45 17.38 4.69
CA ALA A 49 10.58 16.76 3.35
C ALA A 49 10.17 17.79 2.28
N ASN A 50 10.81 18.96 2.30
CA ASN A 50 10.55 20.09 1.36
C ASN A 50 11.87 20.46 0.66
N LEU A 51 12.07 19.95 -0.56
CA LEU A 51 13.42 19.69 -1.12
C LEU A 51 13.97 20.94 -1.82
N ALA A 52 13.18 21.60 -2.66
CA ALA A 52 13.55 22.89 -3.31
C ALA A 52 14.07 23.90 -2.27
N GLU A 53 13.46 23.96 -1.09
CA GLU A 53 13.77 25.00 -0.07
C GLU A 53 15.09 24.63 0.60
N ALA A 54 15.22 23.37 0.98
CA ALA A 54 16.45 22.75 1.54
C ALA A 54 17.63 23.06 0.62
N ALA A 55 17.44 22.88 -0.68
CA ALA A 55 18.48 23.08 -1.72
C ALA A 55 18.91 24.55 -1.71
N LEU A 56 17.95 25.48 -1.71
CA LEU A 56 18.25 26.93 -1.65
C LEU A 56 18.98 27.23 -0.33
N ALA A 57 18.51 26.66 0.79
CA ALA A 57 19.19 26.85 2.09
C ALA A 57 20.62 26.33 2.03
N PHE A 58 20.87 25.18 1.38
CA PHE A 58 22.25 24.61 1.29
C PHE A 58 23.04 25.43 0.28
N GLU A 59 22.40 25.88 -0.79
CA GLU A 59 23.05 26.77 -1.77
C GLU A 59 23.66 27.95 -1.00
N ALA A 60 22.90 28.58 -0.10
CA ALA A 60 23.33 29.75 0.71
C ALA A 60 24.53 29.38 1.59
N VAL A 61 24.50 28.22 2.25
CA VAL A 61 25.61 27.78 3.14
C VAL A 61 26.90 27.64 2.30
N CYS A 62 26.77 27.31 1.01
CA CYS A 62 27.92 27.04 0.11
C CYS A 62 28.52 28.35 -0.41
N GLN A 63 27.70 29.36 -0.70
CA GLN A 63 28.19 30.72 -1.05
C GLN A 63 28.81 31.41 0.16
N LYS A 64 28.09 31.45 1.29
CA LYS A 64 28.55 32.06 2.56
C LYS A 64 29.86 31.39 3.00
N GLU A 65 29.93 30.05 3.03
CA GLU A 65 31.12 29.28 3.52
C GLU A 65 31.55 28.22 2.51
N PRO A 66 32.31 28.56 1.43
CA PRO A 66 32.61 27.60 0.35
C PRO A 66 33.52 26.41 0.69
N GLU A 67 33.98 26.31 1.94
CA GLU A 67 34.97 25.31 2.42
C GLU A 67 34.28 24.27 3.30
N ARG A 68 32.99 24.46 3.59
CA ARG A 68 32.20 23.54 4.47
C ARG A 68 31.68 22.36 3.64
N GLU A 69 32.38 21.21 3.72
CA GLU A 69 32.18 20.05 2.82
C GLU A 69 30.75 19.51 2.98
N GLU A 70 30.26 19.38 4.22
CA GLU A 70 28.94 18.78 4.52
C GLU A 70 27.85 19.54 3.77
N ALA A 71 28.04 20.85 3.57
CA ALA A 71 27.05 21.73 2.92
C ALA A 71 26.91 21.33 1.45
N TRP A 72 28.03 21.24 0.74
CA TRP A 72 28.08 20.78 -0.68
C TRP A 72 27.44 19.38 -0.81
N ARG A 73 27.70 18.49 0.15
CA ARG A 73 27.15 17.13 0.14
C ARG A 73 25.64 17.20 0.29
N SER A 74 25.16 17.96 1.29
CA SER A 74 23.72 18.13 1.58
C SER A 74 23.05 18.70 0.33
N LEU A 75 23.70 19.63 -0.35
CA LEU A 75 23.14 20.29 -1.55
C LEU A 75 23.04 19.24 -2.66
N GLY A 76 24.13 18.50 -2.90
CA GLY A 76 24.17 17.43 -3.91
C GLY A 76 23.08 16.39 -3.68
N LEU A 77 23.01 15.81 -2.48
CA LEU A 77 22.03 14.73 -2.14
C LEU A 77 20.61 15.28 -2.32
N THR A 78 20.37 16.54 -1.93
CA THR A 78 19.03 17.15 -1.98
C THR A 78 18.62 17.30 -3.44
N GLN A 79 19.53 17.79 -4.28
CA GLN A 79 19.20 18.03 -5.71
C GLN A 79 18.97 16.68 -6.40
N ALA A 80 19.75 15.68 -6.01
CA ALA A 80 19.56 14.29 -6.49
C ALA A 80 18.15 13.88 -6.08
N GLU A 81 17.85 13.95 -4.79
CA GLU A 81 16.52 13.54 -4.28
C GLU A 81 15.42 14.30 -5.03
N ASN A 82 15.70 15.48 -5.56
CA ASN A 82 14.70 16.36 -6.21
C ASN A 82 14.78 16.22 -7.74
N GLU A 83 15.34 15.12 -8.27
CA GLU A 83 15.33 14.84 -9.74
C GLU A 83 16.06 15.94 -10.53
N LYS A 84 17.10 16.57 -9.94
CA LYS A 84 18.07 17.44 -10.68
C LYS A 84 19.48 16.82 -10.58
N ASP A 85 19.74 15.82 -11.43
CA ASP A 85 21.04 15.09 -11.45
C ASP A 85 22.15 16.02 -11.95
N GLY A 86 21.87 16.87 -12.94
CA GLY A 86 22.84 17.85 -13.48
C GLY A 86 23.50 18.66 -12.37
N LEU A 87 22.68 19.28 -11.50
CA LEU A 87 23.11 20.20 -10.40
C LEU A 87 23.69 19.39 -9.24
N ALA A 88 23.10 18.23 -8.97
CA ALA A 88 23.56 17.25 -7.96
C ALA A 88 25.02 16.89 -8.26
N ILE A 89 25.32 16.55 -9.52
CA ILE A 89 26.69 16.15 -9.93
C ILE A 89 27.66 17.31 -9.67
N ILE A 90 27.31 18.54 -10.06
CA ILE A 90 28.22 19.71 -9.89
C ILE A 90 28.48 19.89 -8.40
N ALA A 91 27.43 19.92 -7.60
CA ALA A 91 27.54 20.09 -6.13
C ALA A 91 28.39 18.95 -5.55
N LEU A 92 28.15 17.70 -5.97
CA LEU A 92 28.83 16.53 -5.36
C LEU A 92 30.29 16.47 -5.85
N ASN A 93 30.56 16.82 -7.12
CA ASN A 93 31.95 16.99 -7.63
C ASN A 93 32.69 17.98 -6.72
N HIS A 94 32.05 19.10 -6.39
CA HIS A 94 32.63 20.14 -5.51
C HIS A 94 32.95 19.54 -4.15
N ALA A 95 32.01 18.83 -3.51
CA ALA A 95 32.21 18.22 -2.17
C ALA A 95 33.36 17.22 -2.19
N ARG A 96 33.51 16.50 -3.31
CA ARG A 96 34.52 15.45 -3.56
C ARG A 96 35.88 16.14 -3.64
N MET A 97 35.95 17.26 -4.37
CA MET A 97 37.17 18.12 -4.43
C MET A 97 37.59 18.51 -3.01
N LEU A 98 36.67 18.77 -2.08
CA LEU A 98 37.04 19.16 -0.68
C LEU A 98 37.46 17.93 0.13
N ASP A 99 36.93 16.74 -0.17
CA ASP A 99 37.23 15.48 0.57
C ASP A 99 37.01 14.29 -0.37
N PRO A 100 38.05 13.84 -1.12
CA PRO A 100 37.91 12.69 -2.01
C PRO A 100 37.58 11.36 -1.32
N LYS A 101 37.69 11.29 0.02
CA LYS A 101 37.44 10.06 0.82
C LYS A 101 35.99 9.99 1.35
N ASP A 102 35.06 10.86 0.91
CA ASP A 102 33.63 10.87 1.33
C ASP A 102 32.85 9.87 0.49
N ILE A 103 32.37 8.78 1.11
CA ILE A 103 31.80 7.61 0.38
C ILE A 103 30.34 7.95 -0.02
N ALA A 104 29.58 8.67 0.81
CA ALA A 104 28.20 9.08 0.46
C ALA A 104 28.27 9.91 -0.83
N VAL A 105 29.33 10.74 -0.99
CA VAL A 105 29.52 11.56 -2.23
C VAL A 105 29.69 10.62 -3.43
N HIS A 106 30.65 9.70 -3.36
CA HIS A 106 30.94 8.69 -4.42
C HIS A 106 29.64 7.92 -4.72
N ALA A 107 28.91 7.44 -3.71
CA ALA A 107 27.64 6.71 -3.92
C ALA A 107 26.68 7.62 -4.70
N ALA A 108 26.42 8.85 -4.23
CA ALA A 108 25.43 9.76 -4.87
C ALA A 108 25.83 10.04 -6.33
N LEU A 109 27.13 10.26 -6.60
CA LEU A 109 27.66 10.50 -7.97
C LEU A 109 27.38 9.29 -8.86
N ALA A 110 27.54 8.08 -8.35
CA ALA A 110 27.36 6.85 -9.16
C ALA A 110 25.90 6.81 -9.61
N VAL A 111 24.99 7.13 -8.68
CA VAL A 111 23.52 7.11 -8.96
C VAL A 111 23.22 8.20 -10.01
N SER A 112 23.60 9.46 -9.75
CA SER A 112 23.29 10.60 -10.66
C SER A 112 23.99 10.37 -12.01
N HIS A 113 25.24 9.95 -12.02
CA HIS A 113 25.93 9.59 -13.29
C HIS A 113 25.16 8.49 -14.03
N THR A 114 24.66 7.46 -13.33
CA THR A 114 23.87 6.37 -13.98
C THR A 114 22.55 6.90 -14.56
N ASN A 115 21.82 7.76 -13.83
CA ASN A 115 20.58 8.41 -14.36
C ASN A 115 20.88 9.25 -15.60
N GLU A 116 22.02 9.95 -15.64
CA GLU A 116 22.41 10.87 -16.76
C GLU A 116 23.05 10.08 -17.91
N HIS A 117 23.22 8.77 -17.76
CA HIS A 117 23.75 7.85 -18.79
C HIS A 117 25.24 8.16 -19.08
N ASN A 118 25.99 8.53 -18.05
CA ASN A 118 27.46 8.75 -18.12
C ASN A 118 28.19 7.51 -17.53
N ALA A 119 28.42 6.50 -18.36
CA ALA A 119 29.04 5.22 -17.98
C ALA A 119 30.38 5.40 -17.24
N ASN A 120 31.34 6.11 -17.85
CA ASN A 120 32.74 6.19 -17.33
C ASN A 120 32.74 6.81 -15.93
N ALA A 121 31.97 7.89 -15.73
CA ALA A 121 31.93 8.63 -14.45
C ALA A 121 31.24 7.77 -13.38
N ALA A 122 30.14 7.08 -13.74
CA ALA A 122 29.43 6.10 -12.86
C ALA A 122 30.41 5.01 -12.39
N LEU A 123 31.16 4.41 -13.30
CA LEU A 123 32.09 3.29 -12.94
C LEU A 123 33.21 3.84 -12.08
N ALA A 124 33.81 4.97 -12.47
CA ALA A 124 34.87 5.64 -11.68
C ALA A 124 34.36 5.87 -10.24
N SER A 125 33.07 6.26 -10.11
CA SER A 125 32.40 6.59 -8.81
C SER A 125 32.16 5.34 -7.97
N LEU A 126 31.55 4.31 -8.54
CA LEU A 126 31.48 2.97 -7.88
C LEU A 126 32.90 2.58 -7.42
N ARG A 127 33.87 2.67 -8.34
CA ARG A 127 35.29 2.32 -8.04
C ARG A 127 35.74 3.12 -6.83
N ALA A 128 35.63 4.45 -6.91
CA ALA A 128 36.03 5.38 -5.83
C ALA A 128 35.19 5.12 -4.56
N TRP A 129 33.90 4.76 -4.71
CA TRP A 129 33.02 4.46 -3.55
C TRP A 129 33.64 3.30 -2.75
N LEU A 130 34.12 2.29 -3.48
CA LEU A 130 34.64 1.02 -2.90
C LEU A 130 36.01 1.28 -2.27
N LEU A 131 36.98 1.75 -3.05
CA LEU A 131 38.41 1.75 -2.65
C LEU A 131 38.66 2.82 -1.57
N SER A 132 37.70 3.72 -1.34
CA SER A 132 37.78 4.83 -0.35
C SER A 132 37.55 4.28 1.05
N GLN A 133 37.03 3.05 1.16
CA GLN A 133 36.65 2.43 2.45
C GLN A 133 37.82 1.58 2.91
N PRO A 134 38.40 1.83 4.11
CA PRO A 134 39.54 1.05 4.57
C PRO A 134 39.36 -0.45 4.30
N GLN A 135 38.20 -1.00 4.67
CA GLN A 135 37.93 -2.46 4.66
C GLN A 135 38.02 -3.06 3.24
N TYR A 136 37.91 -2.24 2.18
CA TYR A 136 37.89 -2.71 0.76
C TYR A 136 39.13 -2.21 0.01
N GLU A 137 39.94 -1.35 0.65
CA GLU A 137 41.09 -0.71 -0.03
C GLU A 137 42.17 -1.72 -0.46
N GLN A 138 42.26 -2.86 0.24
CA GLN A 138 43.23 -3.90 -0.19
C GLN A 138 43.04 -4.12 -1.69
N LEU A 139 41.79 -4.35 -2.11
CA LEU A 139 41.53 -4.45 -3.56
C LEU A 139 42.00 -3.13 -4.14
N GLY A 140 42.53 -3.13 -5.35
CA GLY A 140 43.14 -1.91 -5.91
C GLY A 140 44.67 -1.98 -5.93
N SER A 141 45.28 -2.82 -5.09
CA SER A 141 46.72 -3.18 -5.18
C SER A 141 46.87 -4.50 -5.93
N VAL A 142 45.77 -5.15 -6.27
CA VAL A 142 45.72 -6.50 -6.91
C VAL A 142 45.34 -6.28 -8.38
N ASN A 143 45.97 -7.03 -9.30
CA ASN A 143 45.67 -6.98 -10.75
C ASN A 143 44.32 -7.70 -11.00
N LEU A 144 43.37 -7.06 -11.70
CA LEU A 144 42.04 -7.64 -12.03
C LEU A 144 41.68 -7.37 -13.50
N GLN A 145 42.67 -7.29 -14.40
CA GLN A 145 42.54 -6.81 -15.81
C GLN A 145 42.49 -7.97 -16.82
N ALA A 146 41.60 -7.88 -17.83
CA ALA A 146 41.38 -8.87 -18.91
C ALA A 146 40.34 -8.34 -19.92
N PHE A 161 30.69 -5.81 -25.23
CA PHE A 161 29.27 -5.35 -25.09
C PHE A 161 29.20 -4.13 -24.18
N PHE A 162 29.58 -2.93 -24.68
CA PHE A 162 29.42 -1.71 -23.86
C PHE A 162 30.09 -0.44 -24.40
N ALA A 163 29.91 0.67 -23.70
CA ALA A 163 30.54 1.99 -23.94
C ALA A 163 31.81 2.17 -23.08
N ALA A 164 32.19 1.17 -22.28
CA ALA A 164 33.38 1.17 -21.40
C ALA A 164 33.70 -0.27 -20.97
N PRO A 165 33.90 -1.20 -21.94
CA PRO A 165 33.84 -2.63 -21.65
C PRO A 165 34.84 -3.10 -20.57
N ASN A 166 36.03 -2.51 -20.51
CA ASN A 166 37.10 -2.92 -19.55
C ASN A 166 36.84 -2.33 -18.15
N GLU A 167 36.36 -1.09 -18.06
CA GLU A 167 36.10 -0.40 -16.78
C GLU A 167 34.94 -1.13 -16.09
N TYR A 168 33.87 -1.46 -16.83
CA TYR A 168 32.69 -2.26 -16.40
C TYR A 168 33.14 -3.60 -15.76
N ARG A 169 33.76 -4.48 -16.55
CA ARG A 169 34.28 -5.81 -16.11
C ARG A 169 35.17 -5.60 -14.88
N GLU A 170 36.07 -4.64 -14.92
CA GLU A 170 36.97 -4.39 -13.75
C GLU A 170 36.08 -4.09 -12.54
N CYS A 171 35.06 -3.23 -12.71
CA CYS A 171 34.18 -2.73 -11.62
C CYS A 171 33.33 -3.89 -11.05
N ARG A 172 32.73 -4.67 -11.96
CA ARG A 172 32.03 -5.94 -11.67
C ARG A 172 32.94 -6.89 -10.86
N THR A 173 34.16 -7.15 -11.32
CA THR A 173 35.12 -8.03 -10.60
C THR A 173 35.30 -7.51 -9.18
N LEU A 174 35.55 -6.20 -9.01
CA LEU A 174 35.92 -5.59 -7.70
C LEU A 174 34.75 -5.66 -6.73
N LEU A 175 33.53 -5.33 -7.17
CA LEU A 175 32.36 -5.32 -6.24
C LEU A 175 32.06 -6.76 -5.80
N HIS A 176 32.09 -7.72 -6.73
CA HIS A 176 31.87 -9.16 -6.36
C HIS A 176 33.01 -9.64 -5.46
N ALA A 177 34.26 -9.23 -5.73
CA ALA A 177 35.44 -9.62 -4.93
C ALA A 177 35.25 -9.15 -3.47
N ALA A 178 34.61 -7.99 -3.27
CA ALA A 178 34.35 -7.35 -1.96
C ALA A 178 33.18 -8.06 -1.28
N LEU A 179 32.21 -8.51 -2.06
CA LEU A 179 31.03 -9.20 -1.50
C LEU A 179 31.49 -10.51 -0.85
N GLU A 180 32.57 -11.12 -1.37
CA GLU A 180 33.26 -12.26 -0.71
C GLU A 180 33.66 -11.86 0.72
N MET A 181 34.44 -10.79 0.85
CA MET A 181 34.97 -10.29 2.16
C MET A 181 33.79 -9.97 3.09
N ASN A 182 32.70 -9.39 2.58
CA ASN A 182 31.59 -8.93 3.46
C ASN A 182 30.22 -9.10 2.78
N PRO A 183 29.63 -10.31 2.82
CA PRO A 183 28.35 -10.57 2.16
C PRO A 183 27.14 -9.95 2.87
N ASN A 184 27.42 -9.12 3.88
CA ASN A 184 26.38 -8.50 4.74
C ASN A 184 26.33 -6.98 4.54
N ASP A 185 27.15 -6.39 3.65
CA ASP A 185 27.13 -4.94 3.37
C ASP A 185 26.05 -4.66 2.32
N ALA A 186 24.89 -4.15 2.76
CA ALA A 186 23.70 -3.94 1.91
C ALA A 186 24.05 -2.94 0.81
N GLN A 187 25.02 -2.05 1.07
CA GLN A 187 25.43 -0.99 0.11
C GLN A 187 26.25 -1.58 -1.03
N LEU A 188 26.99 -2.68 -0.80
CA LEU A 188 27.61 -3.46 -1.92
C LEU A 188 26.49 -3.95 -2.84
N HIS A 189 25.43 -4.49 -2.28
CA HIS A 189 24.31 -4.97 -3.12
C HIS A 189 23.72 -3.77 -3.85
N ALA A 190 23.62 -2.62 -3.19
CA ALA A 190 23.07 -1.38 -3.81
C ALA A 190 23.98 -0.93 -4.96
N SER A 191 25.30 -0.92 -4.74
CA SER A 191 26.33 -0.60 -5.77
C SER A 191 26.18 -1.54 -6.98
N LEU A 192 25.94 -2.84 -6.73
CA LEU A 192 25.76 -3.81 -7.85
C LEU A 192 24.41 -3.51 -8.52
N GLY A 193 23.43 -3.07 -7.73
CA GLY A 193 22.19 -2.48 -8.24
C GLY A 193 22.47 -1.40 -9.26
N VAL A 194 23.38 -0.46 -8.94
CA VAL A 194 23.74 0.67 -9.85
C VAL A 194 24.47 0.09 -11.07
N LEU A 195 25.53 -0.67 -10.83
CA LEU A 195 26.31 -1.34 -11.92
C LEU A 195 25.36 -2.02 -12.92
N TYR A 196 24.44 -2.87 -12.47
CA TYR A 196 23.63 -3.68 -13.41
C TYR A 196 22.54 -2.82 -14.03
N ASN A 197 22.13 -1.73 -13.37
CA ASN A 197 21.15 -0.77 -13.95
C ASN A 197 21.83 -0.02 -15.11
N LEU A 198 23.08 0.38 -14.91
CA LEU A 198 23.95 1.00 -15.94
C LEU A 198 23.95 0.14 -17.23
N SER A 199 24.06 -1.20 -17.15
CA SER A 199 24.08 -2.09 -18.34
C SER A 199 22.70 -2.61 -18.72
N ASN A 200 21.63 -2.00 -18.19
CA ASN A 200 20.22 -2.39 -18.49
C ASN A 200 19.95 -3.87 -18.19
N ASN A 201 20.68 -4.45 -17.24
CA ASN A 201 20.40 -5.80 -16.70
C ASN A 201 19.54 -5.65 -15.42
N TYR A 202 18.26 -5.42 -15.63
CA TYR A 202 17.26 -5.08 -14.59
C TYR A 202 17.06 -6.28 -13.65
N ASP A 203 17.13 -7.50 -14.18
CA ASP A 203 16.91 -8.74 -13.38
C ASP A 203 18.05 -8.91 -12.35
N SER A 204 19.32 -8.68 -12.73
CA SER A 204 20.48 -8.82 -11.80
C SER A 204 20.54 -7.63 -10.82
N ALA A 205 20.12 -6.45 -11.23
CA ALA A 205 20.01 -5.29 -10.31
C ALA A 205 18.90 -5.57 -9.28
N ALA A 206 17.72 -6.00 -9.73
CA ALA A 206 16.58 -6.41 -8.87
C ALA A 206 17.08 -7.44 -7.85
N ALA A 207 17.75 -8.50 -8.30
CA ALA A 207 18.26 -9.58 -7.42
C ALA A 207 19.16 -8.97 -6.32
N ASN A 208 20.02 -8.02 -6.69
CA ASN A 208 20.94 -7.40 -5.71
C ASN A 208 20.18 -6.43 -4.78
N LEU A 209 19.24 -5.66 -5.31
CA LEU A 209 18.46 -4.68 -4.51
C LEU A 209 17.54 -5.46 -3.56
N ARG A 210 16.99 -6.58 -4.01
CA ARG A 210 16.21 -7.52 -3.17
CA ARG A 210 16.20 -7.50 -3.14
C ARG A 210 17.05 -7.88 -1.93
N ARG A 211 18.28 -8.30 -2.16
CA ARG A 211 19.18 -8.69 -1.06
C ARG A 211 19.43 -7.45 -0.20
N ALA A 212 19.58 -6.26 -0.81
CA ALA A 212 19.88 -5.02 -0.06
C ALA A 212 18.72 -4.69 0.90
N VAL A 213 17.48 -4.88 0.48
CA VAL A 213 16.31 -4.63 1.38
C VAL A 213 16.07 -5.81 2.35
N GLU A 214 16.70 -6.98 2.17
CA GLU A 214 16.55 -8.12 3.13
C GLU A 214 17.39 -7.82 4.36
N LEU A 215 18.62 -7.36 4.12
CA LEU A 215 19.41 -6.55 5.08
C LEU A 215 18.73 -5.17 5.09
N ARG A 216 19.16 -4.21 5.92
CA ARG A 216 18.68 -2.79 5.83
C ARG A 216 17.25 -2.67 5.31
N PRO A 217 16.22 -3.32 5.91
CA PRO A 217 14.85 -3.28 5.39
C PRO A 217 14.01 -2.08 5.87
N ASP A 218 14.69 -1.18 6.60
CA ASP A 218 14.18 0.13 7.10
C ASP A 218 14.16 1.19 5.99
N ASP A 219 14.94 1.00 4.91
CA ASP A 219 15.37 2.05 3.97
C ASP A 219 14.36 2.12 2.81
N ALA A 220 13.45 3.07 2.87
CA ALA A 220 12.39 3.28 1.87
C ALA A 220 13.03 3.67 0.51
N GLN A 221 14.18 4.32 0.52
CA GLN A 221 14.92 4.69 -0.72
C GLN A 221 15.32 3.42 -1.49
N LEU A 222 15.80 2.39 -0.78
CA LEU A 222 16.20 1.12 -1.43
C LEU A 222 14.97 0.43 -2.01
N TRP A 223 13.85 0.45 -1.30
CA TRP A 223 12.61 -0.19 -1.79
C TRP A 223 12.15 0.49 -3.08
N ASN A 224 12.23 1.82 -3.09
CA ASN A 224 11.89 2.63 -4.28
C ASN A 224 12.85 2.26 -5.41
N LYS A 225 14.15 2.15 -5.15
CA LYS A 225 15.11 1.74 -6.21
C LYS A 225 14.77 0.34 -6.71
N LEU A 226 14.42 -0.59 -5.82
CA LEU A 226 14.01 -1.95 -6.21
C LEU A 226 12.78 -1.84 -7.09
N GLY A 227 11.86 -0.95 -6.72
CA GLY A 227 10.61 -0.73 -7.48
C GLY A 227 10.90 -0.29 -8.90
N ALA A 228 11.79 0.69 -9.05
CA ALA A 228 12.09 1.33 -10.37
C ALA A 228 12.83 0.34 -11.27
N THR A 229 13.77 -0.42 -10.71
CA THR A 229 14.48 -1.51 -11.43
C THR A 229 13.50 -2.52 -12.02
N LEU A 230 12.60 -3.01 -11.19
CA LEU A 230 11.57 -4.00 -11.60
C LEU A 230 10.68 -3.40 -12.67
N ALA A 231 10.36 -2.09 -12.57
CA ALA A 231 9.53 -1.37 -13.56
C ALA A 231 10.27 -1.36 -14.90
N ASN A 232 11.53 -0.99 -14.89
CA ASN A 232 12.43 -0.98 -16.07
C ASN A 232 12.58 -2.39 -16.62
N GLY A 233 12.64 -3.39 -15.73
CA GLY A 233 12.63 -4.83 -16.08
C GLY A 233 11.27 -5.33 -16.54
N ASN A 234 10.28 -4.45 -16.77
CA ASN A 234 8.97 -4.88 -17.32
C ASN A 234 8.29 -5.88 -16.36
N ARG A 235 8.51 -5.72 -15.04
CA ARG A 235 7.82 -6.48 -13.95
C ARG A 235 7.01 -5.51 -13.09
N PRO A 236 5.93 -4.92 -13.63
CA PRO A 236 5.26 -3.82 -12.95
C PRO A 236 4.53 -4.25 -11.66
N GLN A 237 3.97 -5.45 -11.63
CA GLN A 237 3.24 -5.97 -10.43
C GLN A 237 4.26 -6.06 -9.29
N GLU A 238 5.45 -6.57 -9.56
CA GLU A 238 6.50 -6.70 -8.52
C GLU A 238 7.01 -5.32 -8.09
N ALA A 239 6.96 -4.35 -8.98
CA ALA A 239 7.36 -2.95 -8.69
C ALA A 239 6.36 -2.32 -7.70
N LEU A 240 5.05 -2.34 -8.00
CA LEU A 240 3.96 -1.96 -7.03
C LEU A 240 4.21 -2.53 -5.64
N ASP A 241 4.58 -3.80 -5.54
CA ASP A 241 4.74 -4.44 -4.23
C ASP A 241 5.89 -3.75 -3.49
N ALA A 242 6.99 -3.38 -4.17
CA ALA A 242 8.19 -2.77 -3.53
C ALA A 242 7.96 -1.28 -3.25
N TYR A 243 7.27 -0.60 -4.16
CA TYR A 243 6.82 0.81 -4.01
C TYR A 243 5.93 0.88 -2.75
N ASN A 244 4.95 -0.02 -2.67
CA ASN A 244 4.01 -0.08 -1.51
C ASN A 244 4.80 -0.29 -0.23
N ARG A 245 5.88 -1.06 -0.27
CA ARG A 245 6.63 -1.23 1.00
C ARG A 245 7.31 0.08 1.39
N ALA A 246 7.67 0.89 0.40
CA ALA A 246 8.40 2.14 0.61
C ALA A 246 7.42 3.17 1.16
N LEU A 247 6.17 3.15 0.68
CA LEU A 247 5.06 3.99 1.22
C LEU A 247 4.63 3.55 2.64
N ASP A 248 4.69 2.26 2.99
CA ASP A 248 4.38 1.82 4.38
C ASP A 248 5.47 2.41 5.30
N ILE A 249 6.70 2.55 4.84
CA ILE A 249 7.81 3.09 5.67
C ILE A 249 7.68 4.61 5.74
N ASN A 250 7.31 5.22 4.61
CA ASN A 250 7.23 6.70 4.47
C ASN A 250 5.98 7.06 3.69
N PRO A 251 4.83 7.22 4.37
CA PRO A 251 3.56 7.46 3.69
C PRO A 251 3.51 8.83 3.00
N GLY A 252 4.50 9.70 3.24
CA GLY A 252 4.61 10.99 2.53
C GLY A 252 5.61 10.99 1.36
N TYR A 253 5.94 9.84 0.76
CA TYR A 253 6.98 9.68 -0.30
C TYR A 253 6.35 9.90 -1.70
N VAL A 254 6.26 11.16 -2.11
CA VAL A 254 5.54 11.63 -3.34
C VAL A 254 6.13 10.94 -4.56
N ARG A 255 7.45 10.85 -4.61
CA ARG A 255 8.15 10.17 -5.71
C ARG A 255 7.57 8.76 -5.93
N VAL A 256 7.34 7.99 -4.86
CA VAL A 256 6.91 6.57 -5.00
C VAL A 256 5.48 6.55 -5.54
N MET A 257 4.66 7.49 -5.09
CA MET A 257 3.27 7.61 -5.57
C MET A 257 3.29 7.87 -7.08
N TYR A 258 4.16 8.79 -7.52
CA TYR A 258 4.33 9.04 -8.98
C TYR A 258 4.77 7.74 -9.66
N ASN A 259 5.84 7.13 -9.17
CA ASN A 259 6.37 5.87 -9.73
C ASN A 259 5.23 4.85 -9.87
N MET A 260 4.32 4.79 -8.89
CA MET A 260 3.21 3.81 -8.87
C MET A 260 2.18 4.20 -9.92
N ALA A 261 1.89 5.48 -10.11
CA ALA A 261 1.02 5.93 -11.22
C ALA A 261 1.61 5.42 -12.54
N VAL A 262 2.94 5.45 -12.68
CA VAL A 262 3.60 5.02 -13.93
C VAL A 262 3.37 3.50 -14.12
N SER A 263 3.64 2.67 -13.10
CA SER A 263 3.50 1.20 -13.21
C SER A 263 2.04 0.78 -13.42
N TYR A 264 1.08 1.39 -12.70
CA TYR A 264 -0.35 1.04 -12.83
C TYR A 264 -0.76 1.36 -14.28
N SER A 265 -0.29 2.51 -14.78
CA SER A 265 -0.50 2.96 -16.19
C SER A 265 0.13 1.94 -17.15
N ASN A 266 1.27 1.34 -16.81
CA ASN A 266 1.92 0.33 -17.70
C ASN A 266 1.09 -0.97 -17.74
N MET A 267 0.25 -1.23 -16.72
CA MET A 267 -0.61 -2.44 -16.63
C MET A 267 -2.01 -2.12 -17.16
N SER A 268 -2.23 -0.91 -17.67
CA SER A 268 -3.54 -0.44 -18.20
C SER A 268 -4.57 -0.26 -17.06
N GLN A 269 -4.14 0.11 -15.86
CA GLN A 269 -5.06 0.41 -14.74
C GLN A 269 -5.10 1.93 -14.59
N TYR A 270 -5.77 2.60 -15.51
CA TYR A 270 -5.71 4.08 -15.64
C TYR A 270 -6.35 4.71 -14.40
N ASP A 271 -7.47 4.18 -13.92
CA ASP A 271 -8.19 4.65 -12.70
C ASP A 271 -7.25 4.56 -11.50
N LEU A 272 -6.56 3.44 -11.30
CA LEU A 272 -5.65 3.28 -10.15
C LEU A 272 -4.46 4.23 -10.33
N ALA A 273 -4.01 4.47 -11.57
CA ALA A 273 -2.88 5.39 -11.82
C ALA A 273 -3.37 6.81 -11.50
N ALA A 274 -4.58 7.15 -11.90
CA ALA A 274 -5.16 8.50 -11.60
C ALA A 274 -5.22 8.70 -10.10
N LYS A 275 -5.67 7.71 -9.33
CA LYS A 275 -5.78 7.78 -7.84
C LYS A 275 -4.40 8.08 -7.24
N GLN A 276 -3.34 7.38 -7.68
CA GLN A 276 -1.97 7.68 -7.21
C GLN A 276 -1.59 9.14 -7.50
N LEU A 277 -1.92 9.67 -8.67
CA LEU A 277 -1.49 11.04 -9.05
C LEU A 277 -2.20 12.09 -8.18
N VAL A 278 -3.52 11.93 -7.99
CA VAL A 278 -4.31 12.80 -7.08
C VAL A 278 -3.66 12.79 -5.68
N ARG A 279 -3.33 11.61 -5.17
CA ARG A 279 -2.65 11.43 -3.86
C ARG A 279 -1.38 12.27 -3.90
N ALA A 280 -0.53 12.03 -4.89
CA ALA A 280 0.84 12.59 -4.98
C ALA A 280 0.76 14.12 -5.03
N ILE A 281 -0.20 14.63 -5.80
CA ILE A 281 -0.35 16.10 -6.00
C ILE A 281 -0.87 16.72 -4.69
N TYR A 282 -1.92 16.14 -4.12
CA TYR A 282 -2.50 16.58 -2.82
C TYR A 282 -1.42 16.60 -1.74
N MET A 283 -0.50 15.61 -1.75
CA MET A 283 0.51 15.41 -0.68
C MET A 283 1.67 16.39 -0.87
N GLN A 284 2.16 16.51 -2.10
CA GLN A 284 3.21 17.51 -2.45
C GLN A 284 2.78 18.92 -2.01
N VAL A 285 1.51 19.29 -2.17
CA VAL A 285 1.03 20.70 -1.97
C VAL A 285 0.66 20.96 -0.51
N GLY A 286 0.36 19.92 0.26
CA GLY A 286 -0.18 20.06 1.63
C GLY A 286 -1.63 20.53 1.62
N GLY A 287 -2.37 20.36 0.51
CA GLY A 287 -3.76 20.82 0.37
C GLY A 287 -4.30 20.76 -1.05
N THR A 288 -5.53 21.26 -1.27
CA THR A 288 -6.39 21.06 -2.46
C THR A 288 -5.89 21.88 -3.67
N THR A 289 -5.39 23.10 -3.44
CA THR A 289 -4.96 24.09 -4.47
C THR A 289 -3.54 24.55 -4.14
N PRO A 290 -2.78 25.12 -5.11
CA PRO A 290 -1.42 25.59 -4.84
C PRO A 290 -1.46 26.75 -3.82
N THR A 291 -0.77 26.58 -2.68
CA THR A 291 -0.55 27.66 -1.68
C THR A 291 0.62 28.51 -2.16
N GLY A 292 0.64 28.86 -3.47
CA GLY A 292 1.67 29.72 -4.10
C GLY A 292 2.02 29.34 -5.55
N GLU A 293 3.26 29.64 -5.95
CA GLU A 293 3.90 29.28 -7.25
C GLU A 293 5.06 28.29 -7.03
N ALA A 294 5.65 28.21 -5.82
CA ALA A 294 6.67 27.19 -5.43
C ALA A 294 6.03 25.80 -5.48
N SER A 295 4.77 25.70 -5.03
CA SER A 295 3.86 24.53 -5.18
C SER A 295 3.63 24.24 -6.67
N ARG A 296 3.23 25.24 -7.45
CA ARG A 296 2.91 25.13 -8.90
C ARG A 296 4.12 24.63 -9.72
N GLU A 297 5.38 24.79 -9.24
CA GLU A 297 6.59 24.29 -9.95
C GLU A 297 6.85 22.83 -9.55
N ALA A 298 6.63 22.48 -8.28
CA ALA A 298 6.90 21.14 -7.68
C ALA A 298 5.98 20.05 -8.27
N THR A 299 4.82 20.43 -8.83
CA THR A 299 3.79 19.52 -9.37
C THR A 299 3.70 19.60 -10.90
N ARG A 300 4.58 20.36 -11.57
CA ARG A 300 4.48 20.62 -13.04
C ARG A 300 4.44 19.25 -13.73
N SER A 301 5.45 18.41 -13.47
CA SER A 301 5.69 17.10 -14.14
C SER A 301 4.69 16.01 -13.71
N MET A 302 3.91 16.19 -12.64
CA MET A 302 2.84 15.22 -12.30
C MET A 302 1.56 15.62 -13.05
N TRP A 303 1.24 16.91 -13.12
CA TRP A 303 0.12 17.40 -13.96
C TRP A 303 0.39 17.04 -15.43
N ASP A 304 1.64 17.10 -15.86
CA ASP A 304 2.02 16.76 -17.25
C ASP A 304 1.66 15.29 -17.47
N PHE A 305 2.09 14.40 -16.58
CA PHE A 305 1.82 12.94 -16.71
C PHE A 305 0.31 12.71 -16.54
N PHE A 306 -0.33 13.51 -15.70
CA PHE A 306 -1.78 13.34 -15.44
C PHE A 306 -2.51 13.67 -16.75
N ARG A 307 -2.13 14.76 -17.40
CA ARG A 307 -2.71 15.22 -18.70
C ARG A 307 -2.63 14.07 -19.72
N MET A 308 -1.45 13.48 -19.87
CA MET A 308 -1.24 12.35 -20.80
C MET A 308 -2.22 11.21 -20.48
N LEU A 309 -2.34 10.85 -19.20
CA LEU A 309 -3.14 9.69 -18.74
C LEU A 309 -4.60 9.94 -19.10
N LEU A 310 -5.09 11.12 -18.78
CA LEU A 310 -6.46 11.59 -19.10
C LEU A 310 -6.70 11.57 -20.61
N ASN A 311 -5.62 11.68 -21.41
CA ASN A 311 -5.70 11.57 -22.89
C ASN A 311 -5.96 10.11 -23.27
N VAL A 312 -5.07 9.22 -22.83
CA VAL A 312 -5.22 7.75 -22.96
C VAL A 312 -6.66 7.38 -22.54
N MET A 313 -7.20 8.00 -21.49
CA MET A 313 -8.54 7.68 -20.94
C MET A 313 -9.62 8.29 -21.83
N ASN A 314 -9.22 9.07 -22.85
CA ASN A 314 -10.12 9.76 -23.82
C ASN A 314 -11.13 10.58 -23.03
N ARG A 315 -10.63 11.35 -22.06
CA ARG A 315 -11.43 12.24 -21.18
C ARG A 315 -10.88 13.66 -21.26
N PRO A 316 -10.81 14.26 -22.47
CA PRO A 316 -10.21 15.58 -22.65
C PRO A 316 -10.97 16.68 -21.87
N ASP A 317 -12.24 16.45 -21.49
CA ASP A 317 -12.95 17.35 -20.55
C ASP A 317 -12.03 17.60 -19.33
N LEU A 318 -11.41 16.54 -18.79
CA LEU A 318 -10.64 16.57 -17.51
C LEU A 318 -9.22 17.11 -17.75
N VAL A 319 -8.68 16.96 -18.97
CA VAL A 319 -7.36 17.56 -19.32
C VAL A 319 -7.43 19.08 -19.13
N GLU A 320 -8.56 19.68 -19.52
CA GLU A 320 -8.86 21.14 -19.37
C GLU A 320 -8.84 21.49 -17.88
N LEU A 321 -9.53 20.69 -17.05
CA LEU A 321 -9.68 20.95 -15.60
C LEU A 321 -8.31 20.95 -14.88
N THR A 322 -7.23 20.50 -15.55
CA THR A 322 -5.90 20.30 -14.91
C THR A 322 -5.26 21.63 -14.56
N TYR A 323 -5.47 22.68 -15.35
CA TYR A 323 -4.60 23.88 -15.34
C TYR A 323 -4.94 24.79 -14.16
N ALA A 324 -6.16 24.67 -13.59
CA ALA A 324 -6.59 25.32 -12.32
C ALA A 324 -5.81 24.75 -11.12
N GLN A 325 -5.31 23.50 -11.24
CA GLN A 325 -4.46 22.80 -10.24
C GLN A 325 -5.21 22.62 -8.91
N ASN A 326 -6.53 22.45 -9.01
CA ASN A 326 -7.45 22.06 -7.92
C ASN A 326 -7.69 20.54 -8.05
N VAL A 327 -7.13 19.73 -7.15
CA VAL A 327 -7.24 18.25 -7.21
C VAL A 327 -8.66 17.79 -6.86
N GLU A 328 -9.48 18.63 -6.20
CA GLU A 328 -10.85 18.30 -5.72
C GLU A 328 -11.67 17.64 -6.82
N PRO A 329 -11.86 18.27 -8.01
CA PRO A 329 -12.68 17.66 -9.06
C PRO A 329 -12.15 16.25 -9.36
N PHE A 330 -10.82 16.09 -9.44
CA PHE A 330 -10.11 14.80 -9.69
C PHE A 330 -10.37 13.80 -8.55
N ALA A 331 -10.25 14.28 -7.30
CA ALA A 331 -10.55 13.48 -6.08
C ALA A 331 -11.96 12.91 -6.20
N LYS A 332 -12.94 13.74 -6.61
CA LYS A 332 -14.37 13.33 -6.72
C LYS A 332 -14.49 12.31 -7.84
N GLU A 333 -13.92 12.61 -9.00
CA GLU A 333 -14.01 11.77 -10.24
C GLU A 333 -13.48 10.36 -9.97
N PHE A 334 -12.34 10.23 -9.27
CA PHE A 334 -11.58 8.96 -9.14
C PHE A 334 -11.92 8.27 -7.80
N GLY A 335 -12.83 8.87 -7.04
CA GLY A 335 -13.51 8.23 -5.90
C GLY A 335 -12.70 8.39 -4.62
N LEU A 336 -11.88 9.42 -4.51
CA LEU A 336 -11.12 9.76 -3.27
C LEU A 336 -11.84 10.89 -2.49
N GLN A 337 -13.03 10.62 -1.92
CA GLN A 337 -13.65 11.38 -0.81
C GLN A 337 -12.88 11.15 0.50
N SER A 338 -12.04 10.10 0.55
CA SER A 338 -11.19 9.66 1.70
C SER A 338 -9.69 10.00 1.49
N MET A 339 -9.35 11.28 1.72
CA MET A 339 -7.97 11.85 1.73
C MET A 339 -7.33 11.66 3.11
N LEU A 340 -6.69 10.51 3.35
CA LEU A 340 -6.11 10.22 4.69
C LEU A 340 -4.92 11.15 4.95
N LEU A 341 -4.54 11.96 3.98
CA LEU A 341 -3.33 12.79 4.15
C LEU A 341 -3.63 13.99 5.05
N GLU A 342 -3.53 13.83 6.37
CA GLU A 342 -3.77 14.89 7.38
C GLU A 342 -2.44 15.21 8.08
N ASN A 343 -1.50 14.26 8.05
CA ASN A 343 -0.13 14.46 8.62
C ASN A 343 0.57 15.66 7.95
N LEU A 344 -0.19 16.64 7.42
CA LEU A 344 0.33 17.80 6.64
C LEU A 344 0.98 18.81 7.60
N TYR A 345 2.11 19.41 7.20
CA TYR A 345 2.85 20.46 7.95
C TYR A 345 2.04 21.76 7.96
N ALA B 2 -31.91 -27.01 27.44
CA ALA B 2 -31.96 -28.22 28.31
C ALA B 2 -33.40 -28.79 28.36
N SER B 3 -34.07 -28.90 27.20
CA SER B 3 -35.25 -29.80 27.01
C SER B 3 -34.78 -31.26 26.92
N MET B 4 -35.24 -32.12 27.83
CA MET B 4 -34.75 -33.52 27.96
C MET B 4 -35.71 -34.50 27.27
N THR B 5 -36.69 -34.00 26.50
CA THR B 5 -37.72 -34.77 25.73
C THR B 5 -37.82 -34.26 24.28
N GLY B 6 -36.97 -33.30 23.92
CA GLY B 6 -36.88 -32.68 22.58
C GLY B 6 -38.02 -31.71 22.34
N GLY B 7 -38.67 -31.85 21.19
CA GLY B 7 -39.68 -30.89 20.72
C GLY B 7 -39.06 -29.58 20.31
N GLN B 8 -39.89 -28.55 20.24
CA GLN B 8 -39.60 -27.23 19.60
C GLN B 8 -38.51 -26.49 20.39
N GLN B 9 -38.40 -26.67 21.71
CA GLN B 9 -37.33 -26.02 22.50
C GLN B 9 -35.98 -26.48 21.91
N MET B 10 -35.80 -27.80 21.72
CA MET B 10 -34.54 -28.38 21.19
C MET B 10 -34.31 -27.88 19.76
N GLY B 11 -35.35 -27.89 18.91
CA GLY B 11 -35.24 -27.49 17.49
C GLY B 11 -34.73 -26.06 17.35
N ARG B 12 -35.36 -25.11 18.03
CA ARG B 12 -35.05 -23.67 17.88
C ARG B 12 -33.65 -23.38 18.45
N GLY B 13 -33.11 -24.27 19.31
CA GLY B 13 -31.75 -24.20 19.91
C GLY B 13 -30.73 -25.06 19.16
N SER B 14 -31.13 -25.69 18.06
CA SER B 14 -30.28 -26.63 17.28
C SER B 14 -29.37 -25.83 16.35
N GLU B 15 -28.19 -26.37 16.08
CA GLU B 15 -27.21 -25.80 15.11
C GLU B 15 -27.94 -25.47 13.81
N PHE B 16 -28.78 -26.38 13.32
CA PHE B 16 -29.44 -26.20 12.01
C PHE B 16 -30.36 -24.97 12.01
N MET B 17 -31.19 -24.80 13.04
CA MET B 17 -32.12 -23.64 13.07
C MET B 17 -31.35 -22.34 13.35
N LEU B 18 -30.31 -22.38 14.18
CA LEU B 18 -29.43 -21.22 14.49
C LEU B 18 -28.73 -20.75 13.19
N GLN B 19 -28.20 -21.65 12.38
CA GLN B 19 -27.40 -21.34 11.18
C GLN B 19 -28.30 -20.93 10.03
N ASN B 20 -29.60 -21.22 10.11
CA ASN B 20 -30.53 -20.99 8.96
C ASN B 20 -31.66 -20.06 9.37
N ASN B 21 -31.56 -19.46 10.57
CA ASN B 21 -32.52 -18.50 11.16
C ASN B 21 -32.72 -17.30 10.24
N THR B 22 -33.98 -16.88 10.13
CA THR B 22 -34.50 -15.78 9.28
C THR B 22 -35.00 -14.61 10.16
N ASP B 23 -35.20 -14.83 11.46
CA ASP B 23 -35.81 -13.87 12.40
C ASP B 23 -34.70 -12.92 12.87
N TYR B 24 -34.62 -11.74 12.24
CA TYR B 24 -33.54 -10.76 12.51
C TYR B 24 -33.87 -9.98 13.78
N PRO B 25 -32.96 -9.88 14.77
CA PRO B 25 -33.19 -9.04 15.95
C PRO B 25 -32.85 -7.56 15.73
N PHE B 26 -33.82 -6.81 15.21
CA PHE B 26 -33.73 -5.34 14.95
C PHE B 26 -33.29 -4.57 16.19
N GLU B 27 -32.37 -3.60 16.03
CA GLU B 27 -32.02 -2.61 17.10
CA GLU B 27 -32.05 -2.64 17.12
C GLU B 27 -33.25 -1.71 17.29
N ALA B 28 -33.60 -1.42 18.54
CA ALA B 28 -34.79 -0.65 18.98
C ALA B 28 -34.60 0.84 18.70
N ASN B 29 -33.54 1.43 19.24
CA ASN B 29 -33.19 2.86 19.03
C ASN B 29 -32.68 3.00 17.60
N ASN B 30 -33.58 3.19 16.64
CA ASN B 30 -33.15 3.31 15.22
C ASN B 30 -33.67 4.63 14.63
N PRO B 31 -32.89 5.72 14.80
CA PRO B 31 -33.17 7.01 14.21
C PRO B 31 -33.46 6.97 12.71
N TYR B 32 -32.97 5.94 12.00
CA TYR B 32 -33.13 5.86 10.53
C TYR B 32 -34.57 5.46 10.20
N MET B 33 -35.36 5.06 11.20
CA MET B 33 -36.81 4.78 11.04
C MET B 33 -37.52 6.11 10.71
N TYR B 34 -36.92 7.24 11.08
CA TYR B 34 -37.44 8.61 10.84
C TYR B 34 -36.88 9.20 9.54
N HIS B 35 -36.04 8.45 8.83
CA HIS B 35 -35.31 8.92 7.62
C HIS B 35 -36.19 8.69 6.39
N GLU B 36 -36.12 9.60 5.40
CA GLU B 36 -36.98 9.59 4.18
C GLU B 36 -36.56 8.49 3.20
N ASN B 37 -35.32 8.01 3.25
CA ASN B 37 -34.79 7.02 2.27
C ASN B 37 -33.54 6.35 2.86
N PRO B 38 -33.66 5.54 3.93
CA PRO B 38 -32.47 5.02 4.60
C PRO B 38 -31.60 4.08 3.72
N MET B 39 -32.11 3.54 2.63
CA MET B 39 -31.29 2.78 1.67
C MET B 39 -30.16 3.67 1.16
N GLU B 40 -30.50 4.90 0.74
CA GLU B 40 -29.55 5.91 0.20
C GLU B 40 -28.61 6.34 1.34
N GLU B 41 -29.06 6.52 2.58
CA GLU B 41 -28.08 6.85 3.67
C GLU B 41 -27.11 5.70 3.98
N GLY B 42 -27.58 4.45 3.85
CA GLY B 42 -26.76 3.26 4.15
C GLY B 42 -25.62 3.15 3.16
N LEU B 43 -25.93 3.23 1.86
CA LEU B 43 -24.96 3.27 0.73
C LEU B 43 -23.92 4.35 0.99
N SER B 44 -24.37 5.59 1.25
CA SER B 44 -23.51 6.75 1.63
C SER B 44 -22.60 6.38 2.79
N MET B 45 -23.14 5.85 3.88
CA MET B 45 -22.32 5.57 5.09
C MET B 45 -21.24 4.52 4.76
N LEU B 46 -21.53 3.61 3.81
CA LEU B 46 -20.59 2.57 3.31
C LEU B 46 -19.42 3.32 2.66
N LYS B 47 -19.70 4.34 1.86
CA LYS B 47 -18.68 5.18 1.15
C LYS B 47 -17.72 5.84 2.15
N LEU B 48 -18.11 6.02 3.43
CA LEU B 48 -17.29 6.70 4.49
C LEU B 48 -16.83 5.69 5.53
N ALA B 49 -17.01 4.42 5.21
CA ALA B 49 -16.62 3.28 6.08
C ALA B 49 -17.20 3.52 7.49
N ASN B 50 -18.49 3.85 7.56
CA ASN B 50 -19.27 3.94 8.83
C ASN B 50 -20.27 2.76 8.83
N LEU B 51 -19.77 1.60 9.21
CA LEU B 51 -20.42 0.30 9.04
C LEU B 51 -21.59 0.22 10.05
N ALA B 52 -21.42 0.70 11.28
CA ALA B 52 -22.44 0.57 12.35
C ALA B 52 -23.70 1.33 11.94
N GLU B 53 -23.51 2.55 11.43
CA GLU B 53 -24.57 3.51 11.03
C GLU B 53 -25.22 2.98 9.74
N ALA B 54 -24.44 2.39 8.84
CA ALA B 54 -24.97 1.80 7.58
C ALA B 54 -25.82 0.56 7.90
N ALA B 55 -25.38 -0.28 8.83
CA ALA B 55 -26.16 -1.42 9.35
C ALA B 55 -27.51 -0.87 9.85
N LEU B 56 -27.49 0.19 10.68
CA LEU B 56 -28.74 0.79 11.24
C LEU B 56 -29.62 1.29 10.11
N ALA B 57 -29.06 1.97 9.11
CA ALA B 57 -29.86 2.45 7.96
C ALA B 57 -30.51 1.27 7.23
N PHE B 58 -29.81 0.17 7.01
CA PHE B 58 -30.34 -0.97 6.22
C PHE B 58 -31.39 -1.71 7.08
N GLU B 59 -31.18 -1.75 8.38
CA GLU B 59 -32.18 -2.27 9.33
C GLU B 59 -33.50 -1.52 9.08
N ALA B 60 -33.44 -0.18 9.04
CA ALA B 60 -34.63 0.69 8.91
C ALA B 60 -35.37 0.32 7.64
N VAL B 61 -34.64 0.14 6.54
CA VAL B 61 -35.25 -0.24 5.24
C VAL B 61 -35.94 -1.59 5.38
N CYS B 62 -35.27 -2.56 6.03
CA CYS B 62 -35.80 -3.93 6.18
C CYS B 62 -37.07 -3.90 7.03
N GLN B 63 -37.18 -3.01 8.02
CA GLN B 63 -38.43 -2.88 8.84
C GLN B 63 -39.57 -2.23 8.03
N LYS B 64 -39.29 -1.18 7.23
CA LYS B 64 -40.31 -0.45 6.41
C LYS B 64 -40.66 -1.22 5.14
N GLU B 65 -39.74 -1.99 4.58
CA GLU B 65 -39.98 -2.71 3.29
C GLU B 65 -39.48 -4.15 3.43
N PRO B 66 -40.20 -5.01 4.19
CA PRO B 66 -39.69 -6.34 4.54
C PRO B 66 -39.43 -7.27 3.36
N GLU B 67 -39.89 -6.92 2.15
CA GLU B 67 -39.79 -7.77 0.93
C GLU B 67 -38.74 -7.20 -0.03
N ARG B 68 -38.06 -6.13 0.35
CA ARG B 68 -36.97 -5.52 -0.44
C ARG B 68 -35.69 -6.35 -0.22
N GLU B 69 -35.44 -7.30 -1.12
CA GLU B 69 -34.36 -8.29 -0.94
C GLU B 69 -33.03 -7.55 -0.83
N GLU B 70 -32.79 -6.55 -1.68
CA GLU B 70 -31.49 -5.84 -1.77
C GLU B 70 -31.15 -5.24 -0.41
N ALA B 71 -32.18 -4.88 0.37
CA ALA B 71 -31.99 -4.25 1.69
C ALA B 71 -31.44 -5.31 2.66
N TRP B 72 -31.96 -6.52 2.58
CA TRP B 72 -31.51 -7.65 3.41
C TRP B 72 -30.10 -8.06 2.99
N ARG B 73 -29.85 -8.11 1.69
CA ARG B 73 -28.50 -8.41 1.19
C ARG B 73 -27.51 -7.38 1.75
N SER B 74 -27.78 -6.09 1.53
CA SER B 74 -26.89 -4.97 1.94
C SER B 74 -26.72 -4.99 3.45
N LEU B 75 -27.78 -5.30 4.20
CA LEU B 75 -27.67 -5.43 5.69
C LEU B 75 -26.70 -6.59 6.00
N GLY B 76 -26.80 -7.70 5.28
CA GLY B 76 -25.96 -8.88 5.52
C GLY B 76 -24.49 -8.59 5.24
N LEU B 77 -24.21 -8.11 4.03
CA LEU B 77 -22.83 -7.75 3.60
C LEU B 77 -22.22 -6.75 4.58
N THR B 78 -23.02 -5.78 5.05
CA THR B 78 -22.53 -4.69 5.93
C THR B 78 -22.13 -5.31 7.26
N GLN B 79 -22.98 -6.14 7.83
CA GLN B 79 -22.67 -6.74 9.16
C GLN B 79 -21.45 -7.66 9.03
N ALA B 80 -21.30 -8.38 7.92
CA ALA B 80 -20.11 -9.25 7.73
C ALA B 80 -18.88 -8.34 7.79
N GLU B 81 -18.91 -7.25 7.02
CA GLU B 81 -17.82 -6.25 6.94
C GLU B 81 -17.55 -5.71 8.36
N ASN B 82 -18.56 -5.59 9.21
CA ASN B 82 -18.41 -4.98 10.56
C ASN B 82 -18.17 -6.05 11.63
N GLU B 83 -17.73 -7.25 11.22
CA GLU B 83 -17.32 -8.37 12.11
C GLU B 83 -18.51 -8.87 12.94
N LYS B 84 -19.72 -8.89 12.39
CA LYS B 84 -20.90 -9.53 13.06
C LYS B 84 -21.50 -10.55 12.10
N ASP B 85 -20.82 -11.68 11.95
CA ASP B 85 -21.17 -12.76 11.00
C ASP B 85 -22.50 -13.40 11.42
N GLY B 86 -22.71 -13.55 12.74
CA GLY B 86 -23.99 -13.97 13.36
C GLY B 86 -25.15 -13.17 12.80
N LEU B 87 -25.12 -11.83 12.90
CA LEU B 87 -26.21 -10.99 12.35
C LEU B 87 -26.22 -11.05 10.81
N ALA B 88 -25.06 -11.17 10.17
CA ALA B 88 -24.98 -11.19 8.70
C ALA B 88 -25.69 -12.44 8.20
N ILE B 89 -25.48 -13.55 8.90
CA ILE B 89 -26.04 -14.86 8.47
C ILE B 89 -27.56 -14.73 8.49
N ILE B 90 -28.12 -14.15 9.54
CA ILE B 90 -29.60 -13.99 9.65
C ILE B 90 -30.09 -13.07 8.51
N ALA B 91 -29.49 -11.90 8.30
CA ALA B 91 -29.96 -11.02 7.22
C ALA B 91 -29.81 -11.77 5.89
N LEU B 92 -28.68 -12.45 5.66
CA LEU B 92 -28.47 -13.11 4.33
C LEU B 92 -29.43 -14.28 4.17
N ASN B 93 -29.73 -14.97 5.25
CA ASN B 93 -30.72 -16.08 5.26
C ASN B 93 -32.06 -15.50 4.85
N HIS B 94 -32.41 -14.32 5.37
CA HIS B 94 -33.68 -13.62 5.07
C HIS B 94 -33.72 -13.28 3.59
N ALA B 95 -32.60 -12.86 3.04
CA ALA B 95 -32.52 -12.48 1.62
C ALA B 95 -32.62 -13.74 0.76
N ARG B 96 -31.94 -14.82 1.15
CA ARG B 96 -32.03 -16.13 0.44
C ARG B 96 -33.49 -16.61 0.36
N MET B 97 -34.26 -16.43 1.44
CA MET B 97 -35.72 -16.72 1.51
C MET B 97 -36.48 -15.92 0.43
N LEU B 98 -36.17 -14.64 0.22
CA LEU B 98 -36.91 -13.76 -0.74
C LEU B 98 -36.50 -14.02 -2.18
N ASP B 99 -35.23 -14.32 -2.43
CA ASP B 99 -34.70 -14.61 -3.80
C ASP B 99 -33.63 -15.69 -3.71
N PRO B 100 -34.04 -16.98 -3.73
CA PRO B 100 -33.11 -18.11 -3.72
C PRO B 100 -32.14 -18.12 -4.89
N LYS B 101 -32.32 -17.23 -5.87
CA LYS B 101 -31.51 -17.17 -7.12
C LYS B 101 -30.40 -16.12 -6.99
N ASP B 102 -30.41 -15.31 -5.94
CA ASP B 102 -29.41 -14.23 -5.73
C ASP B 102 -28.07 -14.86 -5.31
N ILE B 103 -27.11 -14.87 -6.22
CA ILE B 103 -25.86 -15.65 -6.02
C ILE B 103 -24.91 -14.90 -5.08
N ALA B 104 -25.00 -13.57 -4.99
CA ALA B 104 -24.16 -12.77 -4.07
C ALA B 104 -24.53 -13.12 -2.63
N VAL B 105 -25.80 -13.46 -2.37
CA VAL B 105 -26.25 -13.92 -1.02
C VAL B 105 -25.57 -15.28 -0.70
N HIS B 106 -25.55 -16.21 -1.66
CA HIS B 106 -24.93 -17.55 -1.45
C HIS B 106 -23.43 -17.38 -1.25
N ALA B 107 -22.79 -16.51 -2.04
CA ALA B 107 -21.34 -16.26 -1.96
C ALA B 107 -21.00 -15.72 -0.58
N ALA B 108 -21.82 -14.78 -0.10
CA ALA B 108 -21.65 -14.10 1.20
C ALA B 108 -21.92 -15.11 2.32
N LEU B 109 -22.96 -15.93 2.17
CA LEU B 109 -23.24 -16.96 3.19
C LEU B 109 -22.03 -17.90 3.32
N ALA B 110 -21.36 -18.27 2.22
CA ALA B 110 -20.25 -19.28 2.30
C ALA B 110 -19.09 -18.68 3.10
N VAL B 111 -18.79 -17.41 2.85
CA VAL B 111 -17.68 -16.68 3.55
C VAL B 111 -18.01 -16.59 5.04
N SER B 112 -19.20 -16.07 5.41
CA SER B 112 -19.58 -15.84 6.84
C SER B 112 -19.67 -17.19 7.59
N HIS B 113 -20.28 -18.22 6.99
CA HIS B 113 -20.29 -19.60 7.56
C HIS B 113 -18.86 -20.11 7.78
N THR B 114 -17.96 -19.83 6.85
CA THR B 114 -16.54 -20.26 6.95
C THR B 114 -15.91 -19.56 8.16
N ASN B 115 -16.08 -18.25 8.32
CA ASN B 115 -15.46 -17.53 9.46
C ASN B 115 -16.03 -18.03 10.78
N GLU B 116 -17.28 -18.52 10.75
CA GLU B 116 -18.01 -19.00 11.96
C GLU B 116 -17.76 -20.51 12.14
N HIS B 117 -16.97 -21.13 11.26
CA HIS B 117 -16.63 -22.58 11.33
C HIS B 117 -17.90 -23.44 11.25
N ASN B 118 -18.88 -23.05 10.44
CA ASN B 118 -20.08 -23.86 10.09
C ASN B 118 -19.79 -24.55 8.74
N ALA B 119 -19.01 -25.64 8.77
CA ALA B 119 -18.44 -26.22 7.53
C ALA B 119 -19.57 -26.67 6.62
N ASN B 120 -20.55 -27.36 7.18
CA ASN B 120 -21.67 -27.92 6.38
C ASN B 120 -22.48 -26.79 5.75
N ALA B 121 -22.84 -25.78 6.54
CA ALA B 121 -23.60 -24.59 6.04
C ALA B 121 -22.80 -23.90 4.92
N ALA B 122 -21.47 -23.76 5.10
CA ALA B 122 -20.61 -23.10 4.10
C ALA B 122 -20.65 -23.90 2.79
N LEU B 123 -20.55 -25.22 2.88
CA LEU B 123 -20.46 -26.07 1.65
C LEU B 123 -21.80 -26.06 0.94
N ALA B 124 -22.91 -26.17 1.68
CA ALA B 124 -24.28 -26.04 1.12
C ALA B 124 -24.42 -24.72 0.34
N SER B 125 -23.87 -23.62 0.88
CA SER B 125 -23.99 -22.28 0.27
C SER B 125 -23.11 -22.24 -1.00
N LEU B 126 -21.90 -22.80 -1.00
CA LEU B 126 -21.12 -22.93 -2.26
C LEU B 126 -21.92 -23.77 -3.28
N ARG B 127 -22.55 -24.88 -2.85
CA ARG B 127 -23.37 -25.74 -3.75
C ARG B 127 -24.44 -24.86 -4.38
N ALA B 128 -25.14 -24.06 -3.59
CA ALA B 128 -26.28 -23.24 -4.08
C ALA B 128 -25.76 -22.06 -4.92
N TRP B 129 -24.57 -21.58 -4.64
CA TRP B 129 -23.97 -20.48 -5.46
C TRP B 129 -23.88 -20.98 -6.91
N LEU B 130 -23.47 -22.23 -7.10
CA LEU B 130 -23.19 -22.83 -8.43
C LEU B 130 -24.50 -23.24 -9.13
N LEU B 131 -25.32 -24.08 -8.49
CA LEU B 131 -26.48 -24.74 -9.16
C LEU B 131 -27.67 -23.78 -9.27
N SER B 132 -27.52 -22.54 -8.81
CA SER B 132 -28.52 -21.45 -8.96
C SER B 132 -28.30 -20.74 -10.29
N GLN B 133 -27.10 -20.89 -10.87
CA GLN B 133 -26.71 -20.24 -12.14
C GLN B 133 -27.17 -21.14 -13.30
N PRO B 134 -28.00 -20.60 -14.24
CA PRO B 134 -28.35 -21.35 -15.45
C PRO B 134 -27.13 -21.95 -16.16
N GLN B 135 -25.98 -21.28 -16.13
CA GLN B 135 -24.78 -21.76 -16.85
C GLN B 135 -24.03 -22.89 -16.11
N TYR B 136 -24.56 -23.45 -15.01
CA TYR B 136 -23.89 -24.56 -14.28
C TYR B 136 -24.88 -25.61 -13.76
N GLU B 137 -26.19 -25.31 -13.75
CA GLU B 137 -27.22 -26.17 -13.08
C GLU B 137 -27.18 -27.60 -13.65
N GLN B 138 -26.82 -27.75 -14.93
CA GLN B 138 -26.60 -29.06 -15.63
C GLN B 138 -25.83 -30.02 -14.71
N LEU B 139 -24.79 -29.53 -14.02
CA LEU B 139 -23.88 -30.33 -13.18
C LEU B 139 -24.64 -30.97 -12.00
N GLY B 140 -25.89 -30.52 -11.75
CA GLY B 140 -26.76 -31.02 -10.66
C GLY B 140 -27.25 -32.43 -10.91
N SER B 141 -27.13 -32.94 -12.15
CA SER B 141 -27.57 -34.29 -12.57
C SER B 141 -26.40 -35.31 -12.47
N VAL B 142 -25.19 -34.92 -12.88
CA VAL B 142 -24.01 -35.85 -13.00
C VAL B 142 -23.60 -36.29 -11.58
N ALA B 163 -15.54 -31.95 9.50
CA ALA B 163 -16.98 -31.67 9.63
C ALA B 163 -17.79 -32.64 8.77
N ALA B 164 -17.56 -32.62 7.45
CA ALA B 164 -18.25 -33.56 6.54
C ALA B 164 -17.31 -33.93 5.41
N PRO B 165 -16.40 -34.91 5.58
CA PRO B 165 -15.44 -35.18 4.50
C PRO B 165 -16.09 -35.48 3.13
N ASN B 166 -17.29 -36.08 3.12
CA ASN B 166 -17.98 -36.53 1.87
C ASN B 166 -18.58 -35.31 1.18
N GLU B 167 -19.19 -34.40 1.97
CA GLU B 167 -19.82 -33.16 1.45
C GLU B 167 -18.70 -32.31 0.81
N TYR B 168 -17.53 -32.22 1.46
CA TYR B 168 -16.32 -31.48 1.03
C TYR B 168 -15.83 -31.94 -0.36
N ARG B 169 -15.44 -33.22 -0.49
CA ARG B 169 -14.97 -33.86 -1.76
C ARG B 169 -16.02 -33.66 -2.86
N GLU B 170 -17.30 -33.90 -2.52
CA GLU B 170 -18.45 -33.82 -3.46
C GLU B 170 -18.48 -32.40 -4.04
N CYS B 171 -18.34 -31.40 -3.17
CA CYS B 171 -18.34 -29.94 -3.51
C CYS B 171 -17.07 -29.62 -4.31
N ARG B 172 -15.91 -30.15 -3.92
CA ARG B 172 -14.60 -29.88 -4.61
C ARG B 172 -14.69 -30.33 -6.07
N THR B 173 -15.34 -31.47 -6.29
CA THR B 173 -15.55 -32.10 -7.63
C THR B 173 -16.50 -31.22 -8.43
N LEU B 174 -17.60 -30.75 -7.82
CA LEU B 174 -18.61 -29.87 -8.50
C LEU B 174 -17.92 -28.62 -9.04
N LEU B 175 -17.06 -28.00 -8.23
CA LEU B 175 -16.38 -26.73 -8.61
C LEU B 175 -15.32 -26.99 -9.69
N HIS B 176 -14.42 -27.97 -9.49
CA HIS B 176 -13.36 -28.35 -10.48
C HIS B 176 -14.02 -28.71 -11.82
N ALA B 177 -15.18 -29.37 -11.79
CA ALA B 177 -15.98 -29.75 -12.99
C ALA B 177 -16.45 -28.51 -13.73
N ALA B 178 -16.99 -27.52 -13.01
CA ALA B 178 -17.43 -26.21 -13.55
C ALA B 178 -16.22 -25.41 -14.07
N LEU B 179 -15.08 -25.51 -13.39
CA LEU B 179 -13.81 -24.85 -13.78
C LEU B 179 -13.35 -25.33 -15.17
N GLU B 180 -13.70 -26.56 -15.58
CA GLU B 180 -13.43 -27.09 -16.95
C GLU B 180 -14.35 -26.36 -17.94
N MET B 181 -15.64 -26.25 -17.65
CA MET B 181 -16.67 -25.61 -18.51
C MET B 181 -16.40 -24.12 -18.77
N ASN B 182 -15.59 -23.47 -17.93
CA ASN B 182 -15.49 -21.98 -17.85
C ASN B 182 -14.31 -21.60 -16.97
N PRO B 183 -13.05 -21.70 -17.48
CA PRO B 183 -11.88 -21.47 -16.63
C PRO B 183 -11.65 -19.98 -16.29
N ASN B 184 -12.58 -19.09 -16.70
CA ASN B 184 -12.39 -17.61 -16.71
C ASN B 184 -13.41 -16.90 -15.81
N ASP B 185 -14.31 -17.64 -15.14
CA ASP B 185 -15.22 -17.12 -14.08
C ASP B 185 -14.43 -16.99 -12.77
N ALA B 186 -14.17 -15.76 -12.35
CA ALA B 186 -13.29 -15.43 -11.20
C ALA B 186 -13.90 -15.93 -9.89
N GLN B 187 -15.24 -15.93 -9.77
CA GLN B 187 -15.94 -16.33 -8.52
C GLN B 187 -15.87 -17.85 -8.37
N LEU B 188 -15.74 -18.58 -9.48
CA LEU B 188 -15.37 -20.01 -9.43
C LEU B 188 -14.07 -20.16 -8.63
N HIS B 189 -13.02 -19.46 -9.05
CA HIS B 189 -11.69 -19.50 -8.39
C HIS B 189 -11.82 -19.03 -6.93
N ALA B 190 -12.53 -17.93 -6.67
CA ALA B 190 -12.82 -17.46 -5.30
C ALA B 190 -13.51 -18.57 -4.49
N SER B 191 -14.50 -19.25 -5.08
CA SER B 191 -15.27 -20.33 -4.40
C SER B 191 -14.33 -21.46 -3.92
N LEU B 192 -13.31 -21.83 -4.71
CA LEU B 192 -12.32 -22.86 -4.31
C LEU B 192 -11.38 -22.27 -3.26
N GLY B 193 -11.08 -20.97 -3.38
CA GLY B 193 -10.54 -20.16 -2.28
C GLY B 193 -11.24 -20.50 -0.98
N VAL B 194 -12.57 -20.41 -0.95
CA VAL B 194 -13.36 -20.61 0.29
C VAL B 194 -13.29 -22.08 0.69
N LEU B 195 -13.43 -23.00 -0.27
CA LEU B 195 -13.41 -24.46 0.01
C LEU B 195 -12.10 -24.85 0.70
N TYR B 196 -10.96 -24.43 0.14
CA TYR B 196 -9.63 -24.85 0.67
C TYR B 196 -9.35 -24.14 2.00
N ASN B 197 -9.95 -22.96 2.22
CA ASN B 197 -9.84 -22.24 3.52
C ASN B 197 -10.58 -23.04 4.61
N LEU B 198 -11.71 -23.62 4.26
CA LEU B 198 -12.55 -24.45 5.15
C LEU B 198 -11.71 -25.61 5.71
N SER B 199 -10.87 -26.23 4.86
CA SER B 199 -9.97 -27.37 5.21
C SER B 199 -8.55 -26.89 5.55
N ASN B 200 -8.32 -25.58 5.68
CA ASN B 200 -7.03 -25.01 6.12
C ASN B 200 -5.92 -25.39 5.11
N ASN B 201 -6.28 -25.57 3.84
CA ASN B 201 -5.36 -25.67 2.69
C ASN B 201 -5.01 -24.27 2.17
N TYR B 202 -4.26 -23.50 2.94
CA TYR B 202 -4.02 -22.07 2.62
C TYR B 202 -3.31 -21.95 1.27
N ASP B 203 -2.33 -22.82 0.97
CA ASP B 203 -1.53 -22.72 -0.28
C ASP B 203 -2.46 -22.91 -1.49
N SER B 204 -3.37 -23.89 -1.49
CA SER B 204 -4.27 -24.15 -2.64
C SER B 204 -5.38 -23.09 -2.68
N ALA B 205 -5.70 -22.47 -1.53
CA ALA B 205 -6.67 -21.35 -1.43
C ALA B 205 -6.06 -20.13 -2.10
N ALA B 206 -4.85 -19.80 -1.67
CA ALA B 206 -4.01 -18.71 -2.21
C ALA B 206 -3.91 -18.87 -3.72
N ALA B 207 -3.45 -20.02 -4.22
CA ALA B 207 -3.31 -20.28 -5.67
C ALA B 207 -4.65 -19.98 -6.34
N ASN B 208 -5.77 -20.36 -5.72
CA ASN B 208 -7.10 -20.14 -6.35
C ASN B 208 -7.47 -18.66 -6.30
N LEU B 209 -7.18 -17.97 -5.19
CA LEU B 209 -7.54 -16.53 -5.05
C LEU B 209 -6.63 -15.70 -5.97
N ARG B 210 -5.38 -16.13 -6.17
CA ARG B 210 -4.43 -15.56 -7.18
C ARG B 210 -5.08 -15.50 -8.56
N ARG B 211 -5.59 -16.63 -9.06
CA ARG B 211 -6.27 -16.70 -10.39
C ARG B 211 -7.49 -15.77 -10.36
N ALA B 212 -8.14 -15.64 -9.20
CA ALA B 212 -9.37 -14.84 -9.07
C ALA B 212 -9.04 -13.37 -9.34
N VAL B 213 -7.97 -12.83 -8.74
CA VAL B 213 -7.65 -11.38 -8.85
C VAL B 213 -7.06 -11.12 -10.24
N GLU B 214 -6.31 -12.09 -10.78
CA GLU B 214 -5.82 -12.08 -12.19
C GLU B 214 -6.98 -11.84 -13.16
N LEU B 215 -8.16 -12.42 -12.93
CA LEU B 215 -9.35 -12.23 -13.80
C LEU B 215 -10.24 -11.06 -13.34
N ARG B 216 -10.20 -10.65 -12.06
CA ARG B 216 -10.94 -9.48 -11.49
C ARG B 216 -9.99 -8.64 -10.61
N PRO B 217 -9.02 -7.92 -11.21
CA PRO B 217 -7.93 -7.31 -10.44
C PRO B 217 -8.27 -5.97 -9.75
N ASP B 218 -9.51 -5.50 -9.92
CA ASP B 218 -10.01 -4.24 -9.31
C ASP B 218 -10.98 -4.53 -8.16
N ASP B 219 -11.20 -5.79 -7.75
CA ASP B 219 -12.04 -6.18 -6.58
C ASP B 219 -11.19 -6.14 -5.30
N ALA B 220 -11.31 -5.08 -4.50
CA ALA B 220 -10.51 -4.89 -3.26
C ALA B 220 -10.75 -6.05 -2.29
N GLN B 221 -11.95 -6.64 -2.30
CA GLN B 221 -12.37 -7.67 -1.32
C GLN B 221 -11.73 -9.01 -1.68
N LEU B 222 -11.58 -9.33 -2.98
CA LEU B 222 -10.76 -10.50 -3.42
C LEU B 222 -9.31 -10.31 -2.96
N TRP B 223 -8.75 -9.10 -3.06
CA TRP B 223 -7.34 -8.87 -2.69
C TRP B 223 -7.21 -9.12 -1.21
N ASN B 224 -8.18 -8.67 -0.41
CA ASN B 224 -8.11 -8.80 1.06
C ASN B 224 -8.20 -10.29 1.43
N LYS B 225 -9.03 -11.04 0.74
CA LYS B 225 -9.21 -12.49 0.94
C LYS B 225 -7.89 -13.19 0.61
N LEU B 226 -7.27 -12.83 -0.51
CA LEU B 226 -5.95 -13.35 -0.93
C LEU B 226 -4.93 -13.08 0.18
N GLY B 227 -4.89 -11.85 0.69
CA GLY B 227 -3.95 -11.43 1.75
C GLY B 227 -4.14 -12.24 3.03
N ALA B 228 -5.38 -12.36 3.49
CA ALA B 228 -5.77 -13.10 4.71
C ALA B 228 -5.40 -14.59 4.57
N THR B 229 -5.69 -15.18 3.41
CA THR B 229 -5.38 -16.59 3.07
C THR B 229 -3.86 -16.77 3.12
N LEU B 230 -3.07 -15.81 2.61
CA LEU B 230 -1.58 -15.87 2.63
C LEU B 230 -1.07 -15.71 4.05
N ALA B 231 -1.61 -14.76 4.82
CA ALA B 231 -1.26 -14.53 6.24
C ALA B 231 -1.50 -15.81 7.06
N ASN B 232 -2.62 -16.49 6.82
CA ASN B 232 -2.99 -17.72 7.54
C ASN B 232 -2.00 -18.83 7.14
N GLY B 233 -1.56 -18.84 5.89
CA GLY B 233 -0.55 -19.76 5.36
C GLY B 233 0.87 -19.37 5.76
N ASN B 234 1.05 -18.57 6.81
CA ASN B 234 2.38 -18.13 7.33
C ASN B 234 3.25 -17.59 6.19
N ARG B 235 2.67 -16.79 5.29
CA ARG B 235 3.41 -16.01 4.25
C ARG B 235 3.11 -14.52 4.42
N PRO B 236 3.57 -13.87 5.50
CA PRO B 236 3.15 -12.50 5.81
C PRO B 236 3.56 -11.44 4.77
N GLN B 237 4.75 -11.57 4.18
CA GLN B 237 5.30 -10.58 3.24
C GLN B 237 4.42 -10.58 1.98
N GLU B 238 4.06 -11.76 1.49
CA GLU B 238 3.13 -11.90 0.35
C GLU B 238 1.74 -11.36 0.73
N ALA B 239 1.39 -11.39 2.02
CA ALA B 239 0.07 -10.92 2.51
C ALA B 239 0.00 -9.40 2.38
N LEU B 240 0.94 -8.71 3.02
CA LEU B 240 1.22 -7.26 2.83
C LEU B 240 1.07 -6.88 1.36
N ASP B 241 1.70 -7.59 0.43
CA ASP B 241 1.72 -7.15 -1.00
C ASP B 241 0.27 -7.13 -1.49
N ALA B 242 -0.51 -8.17 -1.17
CA ALA B 242 -1.92 -8.34 -1.59
C ALA B 242 -2.84 -7.32 -0.85
N TYR B 243 -2.63 -7.10 0.44
CA TYR B 243 -3.36 -6.06 1.20
C TYR B 243 -3.18 -4.69 0.52
N ASN B 244 -1.94 -4.35 0.18
CA ASN B 244 -1.57 -3.02 -0.38
C ASN B 244 -2.26 -2.83 -1.72
N ARG B 245 -2.47 -3.92 -2.45
CA ARG B 245 -3.23 -3.89 -3.72
C ARG B 245 -4.70 -3.54 -3.42
N ALA B 246 -5.24 -4.02 -2.30
CA ALA B 246 -6.63 -3.76 -1.90
C ALA B 246 -6.79 -2.28 -1.54
N LEU B 247 -5.87 -1.76 -0.73
CA LEU B 247 -5.77 -0.33 -0.36
C LEU B 247 -5.61 0.59 -1.58
N ASP B 248 -4.91 0.20 -2.65
CA ASP B 248 -4.75 1.08 -3.85
C ASP B 248 -6.11 1.20 -4.53
N ILE B 249 -6.91 0.14 -4.54
CA ILE B 249 -8.32 0.18 -5.08
C ILE B 249 -9.23 0.98 -4.15
N ASN B 250 -8.97 0.94 -2.84
CA ASN B 250 -9.84 1.56 -1.81
C ASN B 250 -9.01 1.97 -0.60
N PRO B 251 -8.45 3.20 -0.60
CA PRO B 251 -7.57 3.63 0.49
C PRO B 251 -8.22 3.75 1.89
N GLY B 252 -9.56 3.66 1.99
CA GLY B 252 -10.27 3.70 3.28
C GLY B 252 -10.88 2.36 3.68
N TYR B 253 -10.25 1.23 3.32
CA TYR B 253 -10.63 -0.15 3.70
C TYR B 253 -9.94 -0.42 5.05
N VAL B 254 -10.63 -0.08 6.14
CA VAL B 254 -10.09 -0.04 7.52
C VAL B 254 -9.63 -1.45 7.92
N ARG B 255 -10.42 -2.47 7.60
CA ARG B 255 -10.08 -3.88 7.93
C ARG B 255 -8.72 -4.27 7.31
N VAL B 256 -8.46 -3.86 6.08
CA VAL B 256 -7.17 -4.14 5.37
C VAL B 256 -6.02 -3.49 6.17
N MET B 257 -6.16 -2.22 6.56
CA MET B 257 -5.10 -1.55 7.37
C MET B 257 -4.89 -2.32 8.68
N TYR B 258 -5.98 -2.75 9.34
CA TYR B 258 -5.89 -3.53 10.61
C TYR B 258 -5.09 -4.82 10.34
N ASN B 259 -5.49 -5.59 9.31
CA ASN B 259 -4.83 -6.84 8.86
C ASN B 259 -3.33 -6.59 8.61
N MET B 260 -2.99 -5.43 8.04
CA MET B 260 -1.59 -5.08 7.70
C MET B 260 -0.83 -4.84 9.00
N ALA B 261 -1.43 -4.14 9.94
CA ALA B 261 -0.86 -3.99 11.30
C ALA B 261 -0.57 -5.38 11.89
N VAL B 262 -1.43 -6.37 11.67
CA VAL B 262 -1.23 -7.71 12.29
C VAL B 262 0.04 -8.32 11.69
N SER B 263 0.10 -8.42 10.35
CA SER B 263 1.24 -9.02 9.60
C SER B 263 2.57 -8.30 9.90
N TYR B 264 2.61 -6.99 9.86
CA TYR B 264 3.82 -6.24 10.22
C TYR B 264 4.22 -6.64 11.65
N SER B 265 3.26 -6.75 12.57
CA SER B 265 3.48 -7.18 13.99
C SER B 265 4.06 -8.59 14.03
N ASN B 266 3.57 -9.50 13.20
CA ASN B 266 4.10 -10.87 13.20
C ASN B 266 5.54 -10.89 12.67
N MET B 267 5.97 -9.84 11.97
CA MET B 267 7.30 -9.79 11.30
C MET B 267 8.21 -8.89 12.11
N SER B 268 7.72 -8.35 13.22
CA SER B 268 8.53 -7.55 14.17
C SER B 268 8.83 -6.16 13.61
N GLN B 269 8.00 -5.68 12.67
CA GLN B 269 8.03 -4.29 12.16
C GLN B 269 6.99 -3.49 12.95
N TYR B 270 7.31 -3.19 14.21
CA TYR B 270 6.38 -2.59 15.19
C TYR B 270 6.02 -1.17 14.71
N ASP B 271 7.02 -0.50 14.14
CA ASP B 271 6.93 0.89 13.64
C ASP B 271 5.90 0.97 12.50
N LEU B 272 5.98 0.02 11.58
CA LEU B 272 5.11 -0.07 10.38
C LEU B 272 3.70 -0.51 10.82
N ALA B 273 3.60 -1.39 11.82
CA ALA B 273 2.29 -1.80 12.37
C ALA B 273 1.63 -0.57 13.00
N ALA B 274 2.40 0.21 13.77
CA ALA B 274 1.92 1.46 14.39
C ALA B 274 1.38 2.40 13.31
N LYS B 275 2.05 2.48 12.15
CA LYS B 275 1.72 3.48 11.10
C LYS B 275 0.36 3.09 10.50
N GLN B 276 0.12 1.80 10.37
CA GLN B 276 -1.16 1.27 9.87
C GLN B 276 -2.27 1.57 10.89
N LEU B 277 -2.00 1.39 12.18
CA LEU B 277 -3.07 1.55 13.19
C LEU B 277 -3.49 3.03 13.23
N VAL B 278 -2.51 3.96 13.20
CA VAL B 278 -2.77 5.43 13.12
C VAL B 278 -3.72 5.69 11.97
N ARG B 279 -3.48 5.06 10.83
CA ARG B 279 -4.27 5.34 9.61
C ARG B 279 -5.67 4.76 9.77
N ALA B 280 -5.77 3.55 10.32
CA ALA B 280 -7.04 2.81 10.49
C ALA B 280 -7.97 3.60 11.44
N ILE B 281 -7.38 4.08 12.54
CA ILE B 281 -8.13 4.77 13.63
C ILE B 281 -8.59 6.12 13.07
N TYR B 282 -7.71 6.83 12.38
CA TYR B 282 -8.04 8.13 11.75
C TYR B 282 -9.23 7.96 10.78
N MET B 283 -9.23 6.92 9.96
CA MET B 283 -10.26 6.74 8.88
C MET B 283 -11.56 6.19 9.47
N GLN B 284 -11.48 5.35 10.51
CA GLN B 284 -12.70 4.79 11.15
C GLN B 284 -13.50 6.00 11.63
N VAL B 285 -12.86 6.77 12.51
CA VAL B 285 -13.42 7.95 13.22
C VAL B 285 -13.81 9.01 12.20
N GLY B 286 -13.06 9.11 11.10
CA GLY B 286 -13.25 10.15 10.06
C GLY B 286 -12.69 11.48 10.52
N GLY B 287 -11.87 11.45 11.57
CA GLY B 287 -11.15 12.60 12.17
C GLY B 287 -10.18 12.16 13.24
N THR B 288 -9.55 13.10 13.96
CA THR B 288 -8.42 12.82 14.88
C THR B 288 -8.89 12.44 16.30
N THR B 289 -10.10 12.84 16.70
CA THR B 289 -10.64 12.62 18.06
C THR B 289 -12.06 12.10 17.91
N PRO B 290 -12.50 11.22 18.83
CA PRO B 290 -13.79 10.55 18.68
C PRO B 290 -14.93 11.55 18.93
N THR B 291 -16.11 11.25 18.37
CA THR B 291 -17.36 12.06 18.50
C THR B 291 -18.28 11.48 19.59
N GLY B 292 -17.84 10.41 20.27
CA GLY B 292 -18.39 9.91 21.56
C GLY B 292 -19.04 8.53 21.45
N GLU B 293 -18.86 7.69 22.48
CA GLU B 293 -19.62 6.44 22.78
C GLU B 293 -19.47 5.42 21.63
N ALA B 294 -19.94 5.77 20.41
CA ALA B 294 -20.14 4.85 19.26
C ALA B 294 -18.89 4.82 18.34
N SER B 295 -18.19 5.94 18.17
CA SER B 295 -16.87 6.00 17.49
C SER B 295 -15.77 5.63 18.49
N ARG B 296 -15.96 5.95 19.77
CA ARG B 296 -15.03 5.48 20.85
C ARG B 296 -14.97 3.95 20.85
N GLU B 297 -16.05 3.27 20.42
CA GLU B 297 -16.20 1.79 20.50
C GLU B 297 -15.84 1.13 19.17
N ALA B 298 -16.03 1.81 18.04
CA ALA B 298 -15.49 1.42 16.72
C ALA B 298 -13.95 1.41 16.74
N THR B 299 -13.30 1.77 17.85
CA THR B 299 -11.82 1.91 17.91
C THR B 299 -11.20 1.32 19.16
N ARG B 300 -11.96 0.82 20.12
CA ARG B 300 -11.39 0.36 21.42
C ARG B 300 -10.32 -0.70 21.14
N SER B 301 -10.63 -1.73 20.34
CA SER B 301 -9.77 -2.93 20.13
C SER B 301 -8.51 -2.52 19.34
N MET B 302 -8.64 -1.57 18.41
CA MET B 302 -7.45 -0.99 17.71
C MET B 302 -6.54 -0.25 18.71
N TRP B 303 -7.08 0.49 19.68
CA TRP B 303 -6.26 1.15 20.74
C TRP B 303 -5.58 0.09 21.64
N ASP B 304 -6.28 -1.01 21.94
CA ASP B 304 -5.71 -2.12 22.77
C ASP B 304 -4.50 -2.69 22.04
N PHE B 305 -4.63 -2.92 20.72
CA PHE B 305 -3.55 -3.40 19.82
C PHE B 305 -2.40 -2.38 19.89
N PHE B 306 -2.71 -1.09 19.95
CA PHE B 306 -1.69 -0.03 19.91
C PHE B 306 -0.89 -0.06 21.22
N ARG B 307 -1.59 -0.17 22.35
CA ARG B 307 -0.94 -0.30 23.68
C ARG B 307 0.02 -1.48 23.66
N MET B 308 -0.43 -2.61 23.11
CA MET B 308 0.36 -3.85 23.04
C MET B 308 1.66 -3.59 22.24
N LEU B 309 1.55 -2.95 21.07
CA LEU B 309 2.73 -2.61 20.22
C LEU B 309 3.66 -1.70 21.03
N LEU B 310 3.12 -0.67 21.67
CA LEU B 310 3.92 0.29 22.46
C LEU B 310 4.65 -0.41 23.61
N ASN B 311 3.99 -1.31 24.34
CA ASN B 311 4.60 -2.08 25.46
C ASN B 311 5.76 -2.93 24.93
N VAL B 312 5.62 -3.54 23.75
CA VAL B 312 6.68 -4.40 23.16
C VAL B 312 7.85 -3.53 22.72
N MET B 313 7.56 -2.30 22.28
CA MET B 313 8.56 -1.29 21.81
C MET B 313 9.20 -0.64 23.05
N ASN B 314 8.55 -0.77 24.20
CA ASN B 314 9.03 -0.22 25.49
C ASN B 314 8.96 1.31 25.38
N ARG B 315 7.84 1.81 24.84
CA ARG B 315 7.48 3.24 24.79
C ARG B 315 6.30 3.50 25.74
N PRO B 316 6.50 3.42 27.07
CA PRO B 316 5.42 3.68 28.02
C PRO B 316 4.88 5.13 27.96
N ASP B 317 5.74 6.09 27.60
CA ASP B 317 5.34 7.52 27.44
C ASP B 317 4.18 7.59 26.45
N LEU B 318 4.30 6.88 25.33
CA LEU B 318 3.26 6.85 24.28
C LEU B 318 2.04 6.07 24.78
N VAL B 319 2.24 5.05 25.62
CA VAL B 319 1.11 4.24 26.19
C VAL B 319 0.12 5.23 26.82
N GLU B 320 0.58 6.08 27.75
CA GLU B 320 -0.31 6.96 28.56
C GLU B 320 -1.07 7.87 27.60
N LEU B 321 -0.50 8.18 26.43
CA LEU B 321 -1.13 9.13 25.48
C LEU B 321 -2.30 8.45 24.74
N THR B 322 -2.43 7.12 24.77
CA THR B 322 -3.45 6.38 23.99
C THR B 322 -4.84 6.58 24.58
N TYR B 323 -4.99 6.89 25.87
CA TYR B 323 -6.32 6.95 26.54
C TYR B 323 -7.07 8.22 26.12
N ALA B 324 -6.35 9.29 25.80
CA ALA B 324 -6.96 10.52 25.22
C ALA B 324 -7.71 10.17 23.93
N GLN B 325 -7.18 9.21 23.16
CA GLN B 325 -7.73 8.73 21.85
C GLN B 325 -7.62 9.87 20.82
N ASN B 326 -6.52 10.62 20.87
CA ASN B 326 -6.10 11.58 19.82
C ASN B 326 -4.94 10.99 18.98
N VAL B 327 -5.12 10.96 17.66
CA VAL B 327 -4.16 10.31 16.71
C VAL B 327 -2.99 11.27 16.40
N GLU B 328 -3.20 12.60 16.49
CA GLU B 328 -2.20 13.63 16.09
C GLU B 328 -0.81 13.30 16.65
N PRO B 329 -0.63 13.15 17.98
CA PRO B 329 0.71 12.92 18.52
C PRO B 329 1.35 11.63 17.94
N PHE B 330 0.51 10.69 17.51
CA PHE B 330 0.96 9.40 16.91
C PHE B 330 1.24 9.57 15.43
N ALA B 331 0.44 10.42 14.75
CA ALA B 331 0.64 10.81 13.34
C ALA B 331 2.02 11.46 13.19
N LYS B 332 2.44 12.19 14.24
CA LYS B 332 3.79 12.83 14.33
C LYS B 332 4.84 11.71 14.45
N GLU B 333 4.65 10.84 15.43
CA GLU B 333 5.61 9.76 15.80
C GLU B 333 5.66 8.66 14.74
N PHE B 334 4.53 8.34 14.12
CA PHE B 334 4.35 7.17 13.22
C PHE B 334 3.69 7.62 11.91
N GLY B 335 4.39 8.48 11.16
CA GLY B 335 3.87 9.18 9.97
C GLY B 335 4.94 9.38 8.93
N LEU B 336 5.05 10.58 8.35
CA LEU B 336 6.05 10.86 7.29
C LEU B 336 7.45 10.92 7.93
N GLN B 337 8.53 10.77 7.15
CA GLN B 337 9.95 10.89 7.63
C GLN B 337 10.78 11.60 6.54
N SER B 338 12.11 11.70 6.70
CA SER B 338 13.02 12.06 5.58
C SER B 338 14.38 11.36 5.71
N MET B 339 15.39 11.85 4.97
CA MET B 339 16.79 11.35 4.92
C MET B 339 17.73 12.27 5.75
N LEU B 340 17.18 13.27 6.45
CA LEU B 340 17.94 14.29 7.23
C LEU B 340 18.74 13.60 8.35
#